data_6EG7
#
_entry.id   6EG7
#
_cell.length_a   93.888
_cell.length_b   168.245
_cell.length_c   106.477
_cell.angle_alpha   90.00
_cell.angle_beta   90.00
_cell.angle_gamma   90.00
#
_symmetry.space_group_name_H-M   'C 2 2 21'
#
loop_
_entity.id
_entity.type
_entity.pdbx_description
1 polymer 'BbvCI endonuclease subunit 2'
2 non-polymer 1,2-ETHANEDIOL
3 non-polymer DI(HYDROXYETHYL)ETHER
4 non-polymer '5-amino-2,4,6-triiodobenzene-1,3-dicarboxylic acid'
5 water water
#
_entity_poly.entity_id   1
_entity_poly.type   'polypeptide(L)'
_entity_poly.pdbx_seq_one_letter_code
;MFNQFNPLVYTHGGKLERKSKKDKTASKVFEEFGVMEAYNCWKEASLCIQQRDKDSVLKLVAALNTYKDAVEPIFDSRLN
SAQEVLQPSILEEFFEYLFSRIDSIVGVNIPIRHPAKGYLSLSFNPHNIETLIQSPEYTVRAKDHDFIIGGSAKLTIQGH
GGEGETTNIVVPAVAIECKRYLERNMLDECAGTAERLKRATPYCLYFVVAEYLKLDDGAPELTEIDEIYILRHQRNSERN
KPGFKPNPIDGELIWDLYQEVMNHLGKIWWDPNSALQRGKVFNRP
;
_entity_poly.pdbx_strand_id   A,B
#
loop_
_chem_comp.id
_chem_comp.type
_chem_comp.name
_chem_comp.formula
EDO non-polymer 1,2-ETHANEDIOL 'C2 H6 O2'
I3C non-polymer '5-amino-2,4,6-triiodobenzene-1,3-dicarboxylic acid' 'C8 H4 I3 N O4'
PEG non-polymer DI(HYDROXYETHYL)ETHER 'C4 H10 O3'
#
# COMPACT_ATOMS: atom_id res chain seq x y z
N PRO A 7 6.60 -36.24 8.53
CA PRO A 7 5.81 -35.10 8.98
C PRO A 7 6.24 -33.80 8.27
N LEU A 8 5.25 -33.03 7.82
CA LEU A 8 5.50 -31.72 7.15
C LEU A 8 6.22 -30.82 8.15
N VAL A 9 5.46 -30.11 9.00
CA VAL A 9 6.11 -29.25 10.03
C VAL A 9 5.61 -29.62 11.43
N TYR A 10 4.33 -29.32 11.72
CA TYR A 10 3.69 -29.60 13.02
C TYR A 10 4.41 -28.80 14.10
N THR A 11 4.14 -27.50 14.10
CA THR A 11 4.75 -26.52 14.97
C THR A 11 4.28 -26.75 16.40
N HIS A 12 2.96 -26.97 16.57
CA HIS A 12 2.40 -27.14 17.89
C HIS A 12 2.88 -28.47 18.48
N GLY A 13 2.66 -29.55 17.70
CA GLY A 13 3.00 -30.88 18.13
C GLY A 13 4.46 -30.96 18.59
N GLY A 14 5.34 -30.23 17.89
CA GLY A 14 6.75 -30.29 18.23
C GLY A 14 7.04 -29.56 19.54
N LYS A 15 6.29 -28.49 19.82
CA LYS A 15 6.50 -27.73 21.04
C LYS A 15 5.93 -28.51 22.20
N LEU A 16 4.78 -29.14 21.97
CA LEU A 16 4.34 -30.13 22.92
C LEU A 16 5.44 -31.11 23.37
N GLU A 17 6.05 -31.82 22.41
CA GLU A 17 7.09 -32.83 22.72
C GLU A 17 8.34 -32.18 23.32
N ARG A 18 8.68 -30.97 22.87
CA ARG A 18 9.88 -30.24 23.37
C ARG A 18 9.61 -29.74 24.79
N LYS A 19 8.41 -29.21 25.03
CA LYS A 19 8.03 -28.69 26.37
C LYS A 19 7.98 -29.84 27.38
N SER A 20 7.52 -31.01 26.93
CA SER A 20 7.41 -32.21 27.82
C SER A 20 8.77 -32.90 27.93
N LYS A 21 9.71 -32.57 27.03
CA LYS A 21 11.06 -33.18 27.04
C LYS A 21 12.00 -32.33 27.91
N LYS A 22 11.56 -31.12 28.28
CA LYS A 22 12.38 -30.21 29.12
C LYS A 22 11.68 -30.00 30.48
N ASP A 23 10.35 -30.06 30.49
CA ASP A 23 9.57 -29.87 31.74
C ASP A 23 8.83 -31.18 32.07
N LYS A 24 9.29 -31.89 33.09
CA LYS A 24 8.68 -33.15 33.52
C LYS A 24 7.35 -32.93 34.22
N THR A 25 7.18 -31.76 34.88
CA THR A 25 5.92 -31.32 35.47
C THR A 25 4.86 -31.33 34.39
N ALA A 26 5.19 -30.69 33.26
CA ALA A 26 4.28 -30.42 32.17
C ALA A 26 3.94 -31.74 31.50
N SER A 27 4.96 -32.59 31.39
CA SER A 27 4.78 -33.91 30.83
C SER A 27 3.62 -34.63 31.52
N LYS A 28 3.63 -34.66 32.87
CA LYS A 28 2.58 -35.33 33.64
C LYS A 28 1.25 -34.64 33.41
N VAL A 29 1.25 -33.31 33.36
CA VAL A 29 0.01 -32.58 33.13
C VAL A 29 -0.60 -32.99 31.78
N PHE A 30 0.27 -33.13 30.77
CA PHE A 30 -0.16 -33.43 29.42
C PHE A 30 -0.69 -34.87 29.48
N GLU A 31 -0.02 -35.73 30.25
CA GLU A 31 -0.45 -37.15 30.35
C GLU A 31 -1.85 -37.21 30.98
N GLU A 32 -1.96 -36.74 32.23
CA GLU A 32 -3.17 -36.72 33.01
C GLU A 32 -4.44 -36.14 32.41
N PHE A 33 -4.32 -35.03 31.67
CA PHE A 33 -5.51 -34.40 31.12
C PHE A 33 -5.66 -34.72 29.65
N GLY A 34 -4.81 -35.63 29.15
CA GLY A 34 -5.01 -36.20 27.83
C GLY A 34 -4.88 -35.19 26.70
N VAL A 35 -3.95 -34.23 26.86
CA VAL A 35 -3.59 -33.24 25.86
C VAL A 35 -3.08 -33.97 24.61
N MET A 36 -2.24 -34.99 24.80
CA MET A 36 -1.58 -35.61 23.66
C MET A 36 -2.61 -36.33 22.78
N GLU A 37 -3.59 -37.01 23.41
CA GLU A 37 -4.63 -37.71 22.65
C GLU A 37 -5.48 -36.67 21.91
N ALA A 38 -5.83 -35.61 22.62
CA ALA A 38 -6.57 -34.49 22.07
C ALA A 38 -5.86 -33.96 20.84
N TYR A 39 -4.52 -33.80 20.94
CA TYR A 39 -3.74 -33.20 19.87
C TYR A 39 -3.76 -34.10 18.63
N ASN A 40 -3.34 -35.37 18.80
CA ASN A 40 -3.27 -36.37 17.73
C ASN A 40 -4.61 -36.46 17.02
N CYS A 41 -5.65 -36.35 17.82
CA CYS A 41 -6.99 -36.41 17.29
C CYS A 41 -7.22 -35.21 16.37
N TRP A 42 -7.00 -34.00 16.90
CA TRP A 42 -7.02 -32.79 16.11
C TRP A 42 -6.22 -32.96 14.83
N LYS A 43 -4.98 -33.45 14.94
CA LYS A 43 -4.12 -33.58 13.78
C LYS A 43 -4.74 -34.52 12.74
N GLU A 44 -5.24 -35.66 13.21
CA GLU A 44 -5.71 -36.72 12.34
C GLU A 44 -6.93 -36.19 11.59
N ALA A 45 -7.84 -35.57 12.36
CA ALA A 45 -9.08 -35.01 11.85
C ALA A 45 -8.81 -34.07 10.69
N SER A 46 -7.70 -33.31 10.83
CA SER A 46 -7.37 -32.19 9.97
C SER A 46 -6.69 -32.65 8.69
N LEU A 47 -5.79 -33.64 8.81
CA LEU A 47 -5.02 -34.01 7.65
C LEU A 47 -5.89 -34.77 6.67
N CYS A 48 -6.97 -35.39 7.16
CA CYS A 48 -7.74 -36.20 6.25
C CYS A 48 -8.69 -35.37 5.40
N ILE A 49 -9.01 -34.15 5.81
CA ILE A 49 -9.79 -33.22 5.01
C ILE A 49 -9.04 -32.88 3.72
N GLN A 50 -9.53 -33.42 2.59
CA GLN A 50 -8.75 -33.48 1.36
C GLN A 50 -9.12 -32.34 0.41
N GLN A 51 -10.38 -31.88 0.39
CA GLN A 51 -10.82 -30.84 -0.54
C GLN A 51 -10.76 -29.48 0.16
N ARG A 52 -11.10 -28.40 -0.57
CA ARG A 52 -10.96 -27.05 -0.02
C ARG A 52 -12.14 -26.15 -0.40
N ASP A 53 -13.30 -26.75 -0.63
CA ASP A 53 -14.54 -26.00 -0.78
C ASP A 53 -14.90 -25.40 0.57
N LYS A 54 -15.88 -24.50 0.59
CA LYS A 54 -16.21 -23.79 1.82
C LYS A 54 -16.48 -24.76 2.99
N ASP A 55 -17.13 -25.91 2.76
CA ASP A 55 -17.54 -26.75 3.87
C ASP A 55 -16.33 -27.47 4.44
N SER A 56 -15.45 -27.91 3.53
CA SER A 56 -14.12 -28.45 3.85
C SER A 56 -13.41 -27.53 4.84
N VAL A 57 -13.33 -26.25 4.50
CA VAL A 57 -12.58 -25.31 5.31
C VAL A 57 -13.31 -25.15 6.64
N LEU A 58 -14.65 -25.12 6.58
CA LEU A 58 -15.42 -24.92 7.79
C LEU A 58 -15.14 -26.07 8.77
N LYS A 59 -14.99 -27.29 8.22
CA LYS A 59 -14.72 -28.50 8.98
C LYS A 59 -13.39 -28.37 9.72
N LEU A 60 -12.34 -27.90 9.02
CA LEU A 60 -11.04 -27.72 9.65
C LEU A 60 -11.21 -26.79 10.85
N VAL A 61 -11.97 -25.70 10.64
CA VAL A 61 -12.15 -24.71 11.70
C VAL A 61 -12.86 -25.37 12.91
N ALA A 62 -13.85 -26.23 12.60
CA ALA A 62 -14.59 -27.03 13.57
C ALA A 62 -13.60 -27.77 14.45
N ALA A 63 -12.69 -28.52 13.81
CA ALA A 63 -11.71 -29.29 14.56
C ALA A 63 -10.82 -28.36 15.39
N LEU A 64 -10.42 -27.24 14.79
CA LEU A 64 -9.63 -26.22 15.46
C LEU A 64 -10.30 -25.83 16.78
N ASN A 65 -11.56 -25.38 16.68
CA ASN A 65 -12.34 -24.99 17.85
C ASN A 65 -12.35 -26.10 18.90
N THR A 66 -12.68 -27.32 18.46
CA THR A 66 -12.71 -28.46 19.36
C THR A 66 -11.39 -28.55 20.14
N TYR A 67 -10.26 -28.59 19.41
CA TYR A 67 -9.00 -28.90 20.06
C TYR A 67 -8.67 -27.77 21.03
N LYS A 68 -8.97 -26.54 20.63
CA LYS A 68 -8.71 -25.40 21.49
C LYS A 68 -9.55 -25.50 22.76
N ASP A 69 -10.83 -25.90 22.59
CA ASP A 69 -11.74 -26.10 23.70
C ASP A 69 -11.23 -27.21 24.62
N ALA A 70 -10.66 -28.25 24.00
CA ALA A 70 -10.20 -29.41 24.73
C ALA A 70 -8.94 -29.10 25.53
N VAL A 71 -8.16 -28.12 25.06
CA VAL A 71 -6.78 -28.05 25.53
C VAL A 71 -6.44 -26.73 26.24
N GLU A 72 -7.01 -25.61 25.76
CA GLU A 72 -6.51 -24.31 26.18
C GLU A 72 -6.69 -24.14 27.69
N PRO A 73 -7.87 -24.51 28.27
CA PRO A 73 -8.04 -24.45 29.72
C PRO A 73 -6.91 -25.11 30.50
N ILE A 74 -6.40 -26.25 30.00
CA ILE A 74 -5.27 -26.89 30.67
C ILE A 74 -4.08 -25.93 30.63
N PHE A 75 -3.79 -25.37 29.46
CA PHE A 75 -2.64 -24.50 29.32
C PHE A 75 -2.76 -23.29 30.24
N ASP A 76 -3.99 -22.78 30.42
CA ASP A 76 -4.22 -21.62 31.28
C ASP A 76 -4.04 -21.98 32.76
N SER A 77 -4.85 -22.90 33.28
CA SER A 77 -4.86 -23.08 34.72
C SER A 77 -3.82 -24.10 35.20
N ARG A 78 -3.51 -25.12 34.41
CA ARG A 78 -2.63 -26.16 34.93
C ARG A 78 -1.15 -25.93 34.64
N LEU A 79 -0.85 -24.88 33.87
CA LEU A 79 0.56 -24.57 33.45
C LEU A 79 1.15 -23.41 34.24
N ASN A 80 2.09 -22.68 33.61
CA ASN A 80 2.80 -21.56 34.22
C ASN A 80 3.17 -20.55 33.14
N SER A 81 3.80 -21.07 32.08
CA SER A 81 4.19 -20.31 30.91
C SER A 81 3.70 -21.06 29.69
N ALA A 82 2.52 -20.67 29.24
CA ALA A 82 1.88 -21.32 28.11
C ALA A 82 1.29 -20.28 27.17
N GLN A 83 1.49 -18.98 27.45
CA GLN A 83 0.96 -17.91 26.61
C GLN A 83 2.13 -17.25 25.87
N GLU A 84 3.16 -18.04 25.58
CA GLU A 84 4.38 -17.54 24.95
C GLU A 84 4.70 -18.30 23.67
N VAL A 85 4.79 -19.62 23.77
CA VAL A 85 5.11 -20.46 22.57
C VAL A 85 4.38 -21.80 22.72
N LEU A 86 3.26 -21.84 23.44
CA LEU A 86 2.54 -23.09 23.57
C LEU A 86 1.18 -22.82 22.97
N GLN A 87 0.49 -21.76 23.36
CA GLN A 87 -0.84 -21.51 22.74
C GLN A 87 -0.68 -20.78 21.40
N PRO A 88 0.22 -19.79 21.26
CA PRO A 88 0.34 -19.18 19.94
C PRO A 88 0.69 -20.09 18.75
N SER A 89 0.97 -21.35 19.08
CA SER A 89 1.42 -22.31 18.09
C SER A 89 0.24 -23.14 17.58
N ILE A 90 -0.82 -23.26 18.37
CA ILE A 90 -2.01 -23.96 17.92
C ILE A 90 -2.45 -23.36 16.61
N LEU A 91 -2.45 -22.03 16.51
CA LEU A 91 -2.90 -21.38 15.29
C LEU A 91 -1.89 -21.52 14.14
N GLU A 92 -0.61 -21.60 14.53
CA GLU A 92 0.48 -21.69 13.57
C GLU A 92 0.34 -23.01 12.83
N GLU A 93 0.25 -24.08 13.61
CA GLU A 93 0.06 -25.42 13.07
C GLU A 93 -1.25 -25.47 12.26
N PHE A 94 -2.28 -24.75 12.73
CA PHE A 94 -3.54 -24.75 12.00
C PHE A 94 -3.30 -24.28 10.56
N PHE A 95 -2.45 -23.24 10.41
CA PHE A 95 -2.25 -22.71 9.08
C PHE A 95 -1.47 -23.71 8.23
N GLU A 96 -0.66 -24.53 8.91
CA GLU A 96 0.05 -25.60 8.25
C GLU A 96 -0.99 -26.53 7.62
N TYR A 97 -2.01 -26.92 8.38
CA TYR A 97 -3.01 -27.80 7.84
C TYR A 97 -3.81 -27.12 6.71
N LEU A 98 -4.16 -25.85 6.92
CA LEU A 98 -5.01 -25.16 5.98
C LEU A 98 -4.40 -25.14 4.58
N PHE A 99 -3.07 -25.10 4.51
CA PHE A 99 -2.40 -24.90 3.23
C PHE A 99 -1.59 -26.14 2.85
N SER A 100 -1.92 -27.30 3.44
CA SER A 100 -1.26 -28.59 3.22
C SER A 100 -1.44 -29.07 1.78
N ARG A 101 -2.55 -28.66 1.18
CA ARG A 101 -2.99 -29.26 -0.06
C ARG A 101 -2.97 -28.22 -1.17
N ILE A 102 -1.94 -27.38 -1.25
CA ILE A 102 -1.96 -26.28 -2.21
C ILE A 102 -1.04 -26.59 -3.38
N ASP A 103 -0.08 -27.48 -3.15
CA ASP A 103 0.83 -27.90 -4.19
C ASP A 103 0.03 -28.34 -5.42
N SER A 104 -0.87 -29.30 -5.20
CA SER A 104 -1.66 -29.90 -6.26
C SER A 104 -2.55 -28.86 -6.95
N ILE A 105 -2.82 -27.76 -6.25
CA ILE A 105 -3.81 -26.79 -6.71
C ILE A 105 -3.14 -25.54 -7.29
N VAL A 106 -1.92 -25.20 -6.88
CA VAL A 106 -1.29 -23.99 -7.38
C VAL A 106 -0.12 -24.33 -8.30
N GLY A 107 0.06 -25.61 -8.60
CA GLY A 107 1.14 -25.97 -9.51
C GLY A 107 2.40 -26.47 -8.82
N VAL A 108 3.10 -25.61 -8.07
CA VAL A 108 4.46 -25.95 -7.66
C VAL A 108 4.54 -26.34 -6.18
N ASN A 109 5.70 -26.86 -5.78
CA ASN A 109 5.94 -27.38 -4.43
C ASN A 109 6.60 -26.30 -3.58
N ILE A 110 5.79 -25.68 -2.70
CA ILE A 110 6.25 -24.54 -1.92
C ILE A 110 7.04 -25.04 -0.72
N PRO A 111 8.35 -24.70 -0.60
CA PRO A 111 9.20 -25.26 0.44
C PRO A 111 8.86 -24.78 1.84
N ILE A 112 8.25 -23.58 1.95
CA ILE A 112 8.06 -22.95 3.26
C ILE A 112 6.58 -22.69 3.50
N ARG A 113 6.02 -23.33 4.52
CA ARG A 113 4.67 -23.10 5.04
C ARG A 113 4.70 -23.36 6.54
N HIS A 114 5.55 -22.61 7.25
CA HIS A 114 5.71 -22.67 8.69
C HIS A 114 6.16 -21.31 9.19
N PRO A 115 6.38 -21.14 10.51
CA PRO A 115 7.07 -19.96 11.00
C PRO A 115 8.44 -19.88 10.33
N ALA A 116 8.91 -18.64 10.08
CA ALA A 116 10.11 -18.46 9.31
C ALA A 116 10.57 -17.01 9.43
N LYS A 117 11.85 -16.75 9.13
CA LYS A 117 12.39 -15.41 9.14
C LYS A 117 12.27 -14.86 7.73
N GLY A 118 11.43 -13.85 7.52
CA GLY A 118 11.27 -13.32 6.17
C GLY A 118 12.27 -12.20 5.86
N TYR A 119 12.87 -12.28 4.67
CA TYR A 119 13.93 -11.36 4.28
C TYR A 119 13.51 -9.90 4.41
N LEU A 120 14.43 -9.03 4.82
CA LEU A 120 14.17 -7.60 4.80
C LEU A 120 15.27 -6.84 4.07
N SER A 121 16.52 -6.98 4.51
CA SER A 121 17.53 -6.11 3.95
C SER A 121 18.90 -6.81 3.86
N LEU A 122 19.79 -6.24 3.02
CA LEU A 122 21.18 -6.66 2.91
C LEU A 122 22.06 -5.42 3.06
N SER A 123 22.88 -5.36 4.11
CA SER A 123 23.76 -4.21 4.24
C SER A 123 25.19 -4.68 4.48
N PHE A 124 26.16 -3.79 4.21
CA PHE A 124 27.56 -4.16 4.22
C PHE A 124 28.29 -3.59 5.43
N ASN A 125 28.97 -4.47 6.16
CA ASN A 125 29.73 -4.07 7.38
C ASN A 125 31.11 -4.66 7.25
N PRO A 126 31.99 -4.15 6.35
CA PRO A 126 33.31 -4.74 6.17
C PRO A 126 34.16 -4.52 7.44
N HIS A 127 35.08 -5.46 7.72
CA HIS A 127 35.93 -5.33 8.89
C HIS A 127 36.87 -4.15 8.69
N ASN A 128 37.55 -4.13 7.54
CA ASN A 128 38.48 -3.07 7.19
C ASN A 128 38.55 -2.97 5.67
N ILE A 129 39.40 -2.07 5.16
CA ILE A 129 39.61 -1.84 3.73
C ILE A 129 40.00 -3.13 3.00
N GLU A 130 40.84 -3.97 3.65
CA GLU A 130 41.31 -5.20 3.02
C GLU A 130 40.14 -6.17 2.77
N THR A 131 39.42 -6.54 3.84
CA THR A 131 38.23 -7.39 3.76
C THR A 131 37.13 -6.78 2.88
N LEU A 132 37.03 -5.44 2.83
CA LEU A 132 36.07 -4.78 1.97
C LEU A 132 36.29 -5.22 0.54
N ILE A 133 37.52 -5.05 0.05
CA ILE A 133 37.95 -5.42 -1.28
C ILE A 133 37.88 -6.94 -1.47
N GLN A 134 38.37 -7.67 -0.46
CA GLN A 134 38.69 -9.06 -0.67
C GLN A 134 37.48 -9.95 -0.50
N SER A 135 36.54 -9.55 0.37
CA SER A 135 35.44 -10.41 0.83
C SER A 135 34.59 -9.64 1.84
N PRO A 136 33.75 -8.69 1.41
CA PRO A 136 33.12 -7.78 2.36
C PRO A 136 32.17 -8.53 3.30
N GLU A 137 32.25 -8.26 4.61
CA GLU A 137 31.33 -8.87 5.55
C GLU A 137 29.94 -8.23 5.44
N TYR A 138 28.87 -9.02 5.51
CA TYR A 138 27.57 -8.38 5.34
C TYR A 138 26.57 -8.87 6.38
N THR A 139 25.42 -8.20 6.43
CA THR A 139 24.33 -8.69 7.26
C THR A 139 23.07 -8.81 6.43
N VAL A 140 22.38 -9.93 6.59
CA VAL A 140 21.01 -10.02 6.09
C VAL A 140 20.09 -9.85 7.28
N ARG A 141 19.18 -8.88 7.19
CA ARG A 141 18.21 -8.68 8.25
C ARG A 141 16.93 -9.36 7.81
N ALA A 142 16.46 -10.31 8.63
CA ALA A 142 15.17 -10.94 8.41
C ALA A 142 14.31 -10.75 9.66
N LYS A 143 13.08 -11.28 9.62
CA LYS A 143 12.11 -11.00 10.67
C LYS A 143 11.17 -12.19 10.86
N ASP A 144 11.10 -12.61 12.12
CA ASP A 144 10.25 -13.73 12.50
C ASP A 144 8.80 -13.40 12.15
N HIS A 145 8.17 -14.30 11.39
CA HIS A 145 6.73 -14.30 11.23
C HIS A 145 6.18 -15.64 11.74
N ASP A 146 4.97 -15.55 12.29
CA ASP A 146 4.27 -16.69 12.85
C ASP A 146 4.01 -17.73 11.77
N PHE A 147 3.80 -17.28 10.52
CA PHE A 147 3.56 -18.22 9.43
C PHE A 147 3.88 -17.60 8.08
N ILE A 148 4.63 -18.32 7.24
CA ILE A 148 5.01 -17.87 5.92
C ILE A 148 4.72 -18.98 4.90
N ILE A 149 4.03 -18.63 3.83
CA ILE A 149 4.10 -19.38 2.58
C ILE A 149 5.11 -18.61 1.75
N GLY A 150 6.17 -19.30 1.30
CA GLY A 150 7.17 -18.69 0.44
C GLY A 150 8.25 -19.70 0.03
N GLY A 151 9.35 -19.15 -0.52
CA GLY A 151 10.44 -19.92 -1.08
C GLY A 151 11.79 -19.80 -0.39
N SER A 152 12.68 -20.78 -0.59
CA SER A 152 14.03 -20.70 0.03
C SER A 152 15.07 -20.26 -1.02
N ALA A 153 15.93 -19.29 -0.68
CA ALA A 153 16.93 -18.85 -1.63
C ALA A 153 18.30 -18.78 -0.97
N LYS A 154 19.36 -18.86 -1.80
CA LYS A 154 20.72 -18.68 -1.33
C LYS A 154 21.29 -17.37 -1.87
N LEU A 155 21.83 -16.57 -0.94
CA LEU A 155 22.37 -15.26 -1.28
C LEU A 155 23.87 -15.33 -1.03
N THR A 156 24.64 -15.03 -2.07
CA THR A 156 26.09 -15.08 -1.96
C THR A 156 26.71 -13.75 -2.39
N ILE A 157 27.72 -13.38 -1.60
CA ILE A 157 28.53 -12.20 -1.83
C ILE A 157 29.97 -12.65 -2.02
N GLN A 158 30.56 -12.38 -3.17
CA GLN A 158 31.98 -12.64 -3.39
C GLN A 158 32.74 -11.34 -3.61
N GLY A 159 33.87 -11.20 -2.91
CA GLY A 159 34.83 -10.14 -3.15
C GLY A 159 35.92 -10.58 -4.11
N HIS A 160 37.00 -9.81 -4.13
CA HIS A 160 38.14 -10.13 -5.01
C HIS A 160 38.62 -11.56 -4.79
N GLY A 161 38.93 -11.90 -3.54
CA GLY A 161 39.42 -13.23 -3.24
C GLY A 161 38.32 -14.28 -3.25
N GLY A 162 37.62 -14.42 -2.12
CA GLY A 162 36.85 -15.58 -1.71
C GLY A 162 35.96 -16.21 -2.79
N GLU A 163 35.39 -17.34 -2.41
CA GLU A 163 34.25 -17.84 -3.16
C GLU A 163 33.02 -17.61 -2.28
N GLY A 164 33.01 -16.46 -1.62
CA GLY A 164 31.72 -15.90 -1.27
C GLY A 164 31.04 -16.54 -0.07
N GLU A 165 30.73 -15.67 0.90
CA GLU A 165 29.84 -15.99 2.00
C GLU A 165 28.41 -16.21 1.48
N THR A 166 27.81 -17.37 1.82
CA THR A 166 26.43 -17.60 1.47
C THR A 166 25.55 -17.53 2.70
N THR A 167 24.34 -16.98 2.54
CA THR A 167 23.33 -16.94 3.59
C THR A 167 22.05 -17.51 2.99
N ASN A 168 21.37 -18.31 3.83
CA ASN A 168 20.06 -18.80 3.47
C ASN A 168 18.99 -17.77 3.81
N ILE A 169 18.06 -17.57 2.89
CA ILE A 169 17.09 -16.53 3.13
C ILE A 169 15.71 -17.05 2.73
N VAL A 170 14.67 -16.45 3.33
CA VAL A 170 13.32 -16.81 2.97
C VAL A 170 12.58 -15.63 2.34
N VAL A 171 12.11 -15.84 1.10
CA VAL A 171 11.40 -14.82 0.37
C VAL A 171 9.91 -15.14 0.41
N PRO A 172 9.12 -14.41 1.24
CA PRO A 172 7.76 -14.81 1.54
C PRO A 172 6.79 -14.28 0.48
N ALA A 173 5.71 -15.04 0.28
CA ALA A 173 4.64 -14.60 -0.60
C ALA A 173 3.41 -14.25 0.23
N VAL A 174 3.25 -14.92 1.36
CA VAL A 174 2.25 -14.54 2.34
C VAL A 174 2.93 -14.61 3.70
N ALA A 175 2.64 -13.63 4.57
CA ALA A 175 3.13 -13.72 5.93
C ALA A 175 1.99 -13.41 6.87
N ILE A 176 1.84 -14.23 7.92
CA ILE A 176 0.74 -14.09 8.84
C ILE A 176 1.26 -14.00 10.27
N GLU A 177 0.85 -12.94 10.97
CA GLU A 177 1.07 -12.87 12.40
C GLU A 177 -0.14 -13.50 13.10
N CYS A 178 0.14 -14.24 14.18
CA CYS A 178 -0.85 -15.04 14.90
C CYS A 178 -0.75 -14.75 16.38
N LYS A 179 -1.80 -14.11 16.90
CA LYS A 179 -1.78 -13.67 18.28
C LYS A 179 -3.12 -14.05 18.90
N ARG A 180 -3.11 -14.43 20.20
CA ARG A 180 -4.36 -14.68 20.92
C ARG A 180 -5.15 -13.38 20.97
N TYR A 181 -4.54 -12.35 21.54
CA TYR A 181 -5.16 -11.03 21.52
C TYR A 181 -4.20 -10.01 20.91
N LEU A 182 -4.79 -9.00 20.26
CA LEU A 182 -4.08 -7.94 19.59
C LEU A 182 -4.30 -6.64 20.36
N GLU A 183 -3.28 -6.21 21.09
CA GLU A 183 -3.19 -4.93 21.77
C GLU A 183 -2.34 -3.97 20.95
N ARG A 184 -2.55 -2.66 21.16
CA ARG A 184 -1.94 -1.57 20.42
C ARG A 184 -0.43 -1.76 20.29
N ASN A 185 0.23 -2.17 21.37
CA ASN A 185 1.68 -2.31 21.34
C ASN A 185 2.10 -3.20 20.18
N MET A 186 1.35 -4.29 19.97
CA MET A 186 1.68 -5.31 18.98
C MET A 186 1.30 -4.82 17.59
N LEU A 187 0.17 -4.09 17.47
CA LEU A 187 -0.31 -3.60 16.19
C LEU A 187 0.60 -2.48 15.67
N ASP A 188 1.45 -1.94 16.54
CA ASP A 188 2.42 -0.95 16.11
C ASP A 188 3.62 -1.69 15.54
N GLU A 189 4.12 -2.69 16.28
CA GLU A 189 5.14 -3.55 15.72
C GLU A 189 4.75 -3.92 14.29
N CYS A 190 3.49 -4.31 14.10
CA CYS A 190 3.07 -4.94 12.86
C CYS A 190 2.97 -3.95 11.72
N ALA A 191 2.51 -2.74 12.04
CA ALA A 191 2.52 -1.62 11.10
C ALA A 191 3.95 -1.30 10.68
N GLY A 192 4.85 -1.40 11.67
CA GLY A 192 6.24 -1.08 11.51
C GLY A 192 6.93 -2.06 10.57
N THR A 193 6.65 -3.35 10.75
CA THR A 193 7.31 -4.32 9.90
C THR A 193 6.57 -4.42 8.57
N ALA A 194 5.25 -4.17 8.54
CA ALA A 194 4.61 -4.07 7.24
C ALA A 194 5.36 -3.10 6.31
N GLU A 195 5.73 -1.92 6.85
CA GLU A 195 6.48 -0.94 6.09
C GLU A 195 7.75 -1.58 5.50
N ARG A 196 8.58 -2.17 6.38
CA ARG A 196 9.83 -2.77 5.99
C ARG A 196 9.53 -3.90 5.00
N LEU A 197 8.63 -4.79 5.39
CA LEU A 197 8.26 -5.93 4.56
C LEU A 197 7.90 -5.50 3.14
N LYS A 198 7.16 -4.40 2.97
CA LYS A 198 6.70 -4.05 1.65
C LYS A 198 7.85 -3.52 0.80
N ARG A 199 8.87 -2.91 1.43
CA ARG A 199 10.06 -2.43 0.74
C ARG A 199 10.84 -3.63 0.23
N ALA A 200 11.00 -4.65 1.09
CA ALA A 200 11.82 -5.80 0.77
C ALA A 200 11.11 -6.69 -0.23
N THR A 201 9.84 -6.99 0.04
CA THR A 201 9.11 -7.99 -0.72
C THR A 201 7.77 -7.39 -1.12
N PRO A 202 7.74 -6.44 -2.09
CA PRO A 202 6.50 -5.78 -2.49
C PRO A 202 5.32 -6.69 -2.80
N TYR A 203 5.54 -7.98 -3.09
CA TYR A 203 4.41 -8.81 -3.47
C TYR A 203 4.02 -9.77 -2.37
N CYS A 204 4.54 -9.54 -1.16
CA CYS A 204 4.20 -10.39 -0.04
C CYS A 204 2.93 -9.86 0.59
N LEU A 205 1.87 -10.66 0.60
CA LEU A 205 0.64 -10.29 1.29
C LEU A 205 0.89 -10.36 2.80
N TYR A 206 0.25 -9.50 3.59
CA TYR A 206 0.58 -9.49 5.01
C TYR A 206 -0.65 -9.37 5.88
N PHE A 207 -0.86 -10.34 6.79
CA PHE A 207 -2.04 -10.36 7.64
C PHE A 207 -1.65 -10.41 9.11
N VAL A 208 -2.49 -9.81 9.95
CA VAL A 208 -2.45 -10.08 11.37
C VAL A 208 -3.76 -10.80 11.71
N VAL A 209 -3.67 -11.86 12.52
CA VAL A 209 -4.83 -12.65 12.88
C VAL A 209 -4.81 -12.81 14.39
N ALA A 210 -5.93 -12.42 14.98
CA ALA A 210 -6.07 -12.51 16.42
C ALA A 210 -7.40 -13.14 16.75
N GLU A 211 -7.48 -13.69 17.97
CA GLU A 211 -8.70 -14.26 18.52
C GLU A 211 -9.52 -13.13 19.14
N TYR A 212 -8.86 -12.29 19.97
CA TYR A 212 -9.49 -11.15 20.61
C TYR A 212 -8.77 -9.84 20.26
N LEU A 213 -9.50 -8.73 20.42
CA LEU A 213 -9.01 -7.39 20.16
C LEU A 213 -9.02 -6.62 21.47
N LYS A 214 -7.82 -6.38 22.03
CA LYS A 214 -7.62 -5.65 23.28
C LYS A 214 -7.10 -4.23 22.98
N LEU A 215 -7.90 -3.51 22.19
CA LEU A 215 -7.52 -2.21 21.64
C LEU A 215 -8.47 -1.15 22.20
N ASP A 216 -7.89 -0.10 22.80
CA ASP A 216 -8.67 0.98 23.39
C ASP A 216 -9.05 1.95 22.28
N ASP A 217 -10.35 2.26 22.20
CA ASP A 217 -11.01 2.81 21.01
C ASP A 217 -10.13 3.85 20.29
N GLY A 218 -9.46 4.73 21.06
CA GLY A 218 -8.27 5.44 20.59
C GLY A 218 -8.51 6.24 19.31
N ALA A 219 -7.88 5.80 18.20
CA ALA A 219 -8.04 6.43 16.90
C ALA A 219 -7.52 5.51 15.81
N PRO A 220 -8.08 5.58 14.58
CA PRO A 220 -7.72 4.65 13.50
C PRO A 220 -6.30 4.71 12.93
N GLU A 221 -5.77 3.56 12.52
CA GLU A 221 -4.35 3.55 12.07
C GLU A 221 -4.17 3.07 10.62
N LEU A 222 -3.68 3.95 9.76
CA LEU A 222 -3.32 3.62 8.38
C LEU A 222 -1.99 2.85 8.50
N THR A 223 -2.06 1.53 8.28
CA THR A 223 -0.90 0.65 8.28
C THR A 223 -0.75 0.09 6.88
N GLU A 224 0.31 -0.68 6.63
CA GLU A 224 0.51 -1.37 5.36
C GLU A 224 0.12 -2.86 5.48
N ILE A 225 -0.70 -3.18 6.47
CA ILE A 225 -1.20 -4.52 6.72
C ILE A 225 -2.43 -4.78 5.85
N ASP A 226 -2.44 -5.90 5.14
CA ASP A 226 -3.43 -6.13 4.12
C ASP A 226 -4.77 -6.53 4.73
N GLU A 227 -4.75 -7.14 5.91
CA GLU A 227 -5.99 -7.48 6.60
C GLU A 227 -5.65 -7.65 8.08
N ILE A 228 -6.49 -7.12 8.97
CA ILE A 228 -6.47 -7.66 10.31
C ILE A 228 -7.72 -8.52 10.51
N TYR A 229 -7.58 -9.59 11.29
CA TYR A 229 -8.68 -10.51 11.53
C TYR A 229 -8.77 -10.76 13.03
N ILE A 230 -9.94 -10.41 13.60
CA ILE A 230 -10.26 -10.78 14.96
C ILE A 230 -11.25 -11.94 14.89
N LEU A 231 -10.79 -13.15 15.27
CA LEU A 231 -11.42 -14.39 14.85
C LEU A 231 -12.72 -14.67 15.62
N ARG A 232 -12.77 -14.27 16.91
CA ARG A 232 -13.87 -14.59 17.81
C ARG A 232 -14.84 -13.43 17.97
N HIS A 233 -14.62 -12.36 17.20
CA HIS A 233 -15.51 -11.21 17.19
C HIS A 233 -15.70 -10.62 18.58
N GLN A 234 -14.79 -10.88 19.54
CA GLN A 234 -14.98 -10.43 20.91
C GLN A 234 -13.93 -9.45 21.44
N ARG A 235 -14.17 -8.91 22.63
CA ARG A 235 -13.14 -8.06 23.28
C ARG A 235 -12.41 -8.90 24.32
N ASN A 236 -11.36 -8.38 24.91
CA ASN A 236 -10.55 -9.20 25.80
C ASN A 236 -11.02 -8.88 27.21
N SER A 237 -11.75 -7.78 27.38
CA SER A 237 -12.34 -7.39 28.65
C SER A 237 -13.26 -8.48 29.19
N GLU A 238 -13.71 -9.38 28.30
CA GLU A 238 -14.81 -10.31 28.56
C GLU A 238 -14.29 -11.64 29.08
N ARG A 239 -12.98 -11.84 28.98
CA ARG A 239 -12.40 -13.17 29.08
C ARG A 239 -12.18 -13.51 30.55
N ASN A 240 -12.07 -12.48 31.40
CA ASN A 240 -11.69 -12.70 32.79
C ASN A 240 -12.74 -12.08 33.71
N LYS A 241 -14.02 -12.26 33.34
CA LYS A 241 -15.12 -11.65 34.08
C LYS A 241 -16.16 -12.72 34.42
N PRO A 242 -17.27 -12.38 35.12
CA PRO A 242 -18.23 -13.35 35.67
C PRO A 242 -18.23 -14.80 35.17
N GLY A 243 -18.74 -15.02 33.95
CA GLY A 243 -18.91 -16.35 33.39
C GLY A 243 -18.38 -16.44 31.97
N PHE A 244 -17.16 -16.98 31.84
CA PHE A 244 -16.49 -17.46 30.62
C PHE A 244 -17.14 -17.00 29.31
N LYS A 245 -17.71 -17.96 28.57
CA LYS A 245 -18.52 -17.84 27.36
C LYS A 245 -17.77 -17.25 26.15
N PRO A 246 -16.67 -17.88 25.68
CA PRO A 246 -15.98 -17.41 24.47
C PRO A 246 -16.73 -17.84 23.23
N ASN A 247 -16.79 -16.96 22.22
CA ASN A 247 -17.28 -17.27 20.88
C ASN A 247 -16.37 -18.28 20.18
N PRO A 248 -16.91 -19.17 19.31
CA PRO A 248 -16.07 -19.96 18.43
C PRO A 248 -15.23 -19.09 17.48
N ILE A 249 -14.07 -19.62 17.06
CA ILE A 249 -13.35 -19.00 15.97
C ILE A 249 -14.20 -19.11 14.72
N ASP A 250 -14.44 -17.96 14.06
CA ASP A 250 -15.42 -17.80 13.00
C ASP A 250 -14.87 -18.41 11.72
N GLY A 251 -15.42 -19.56 11.36
CA GLY A 251 -15.07 -20.24 10.12
C GLY A 251 -15.24 -19.34 8.90
N GLU A 252 -16.10 -18.32 9.00
CA GLU A 252 -16.33 -17.45 7.87
C GLU A 252 -15.05 -16.69 7.53
N LEU A 253 -14.43 -16.12 8.58
CA LEU A 253 -13.20 -15.36 8.45
C LEU A 253 -12.09 -16.23 7.88
N ILE A 254 -11.91 -17.45 8.42
CA ILE A 254 -10.86 -18.30 7.87
C ILE A 254 -11.15 -18.58 6.39
N TRP A 255 -12.41 -18.84 6.05
CA TRP A 255 -12.76 -19.07 4.66
C TRP A 255 -12.33 -17.90 3.77
N ASP A 256 -12.58 -16.68 4.26
CA ASP A 256 -12.19 -15.48 3.55
C ASP A 256 -10.67 -15.44 3.35
N LEU A 257 -9.94 -15.54 4.48
CA LEU A 257 -8.49 -15.50 4.49
C LEU A 257 -7.92 -16.51 3.48
N TYR A 258 -8.51 -17.71 3.44
CA TYR A 258 -8.06 -18.76 2.54
C TYR A 258 -8.25 -18.31 1.09
N GLN A 259 -9.40 -17.70 0.82
CA GLN A 259 -9.79 -17.28 -0.50
C GLN A 259 -8.79 -16.23 -0.99
N GLU A 260 -8.42 -15.28 -0.11
CA GLU A 260 -7.52 -14.20 -0.52
C GLU A 260 -6.10 -14.70 -0.81
N VAL A 261 -5.60 -15.63 0.00
CA VAL A 261 -4.26 -16.18 -0.18
C VAL A 261 -4.16 -16.94 -1.52
N MET A 262 -5.15 -17.75 -1.83
CA MET A 262 -5.08 -18.59 -3.00
C MET A 262 -5.12 -17.74 -4.26
N ASN A 263 -5.94 -16.68 -4.22
CA ASN A 263 -6.01 -15.64 -5.21
C ASN A 263 -4.59 -15.08 -5.47
N HIS A 264 -3.95 -14.71 -4.35
CA HIS A 264 -2.64 -14.09 -4.36
C HIS A 264 -1.64 -15.00 -5.06
N LEU A 265 -1.64 -16.29 -4.72
CA LEU A 265 -0.68 -17.22 -5.26
C LEU A 265 -0.98 -17.51 -6.73
N GLY A 266 -2.23 -17.26 -7.13
CA GLY A 266 -2.69 -17.35 -8.51
C GLY A 266 -2.18 -16.23 -9.43
N LYS A 267 -1.93 -15.04 -8.90
CA LYS A 267 -1.71 -13.87 -9.76
C LYS A 267 -0.27 -13.83 -10.27
N ILE A 268 -0.09 -13.39 -11.53
CA ILE A 268 1.18 -12.84 -11.99
C ILE A 268 1.31 -11.47 -11.34
N TRP A 269 2.43 -11.16 -10.67
CA TRP A 269 2.44 -9.98 -9.82
C TRP A 269 2.96 -8.72 -10.50
N TRP A 270 3.84 -8.82 -11.52
CA TRP A 270 4.10 -7.59 -12.25
C TRP A 270 3.22 -7.42 -13.49
N ASP A 271 3.33 -8.31 -14.48
CA ASP A 271 2.50 -8.25 -15.67
C ASP A 271 2.24 -6.85 -16.20
N PRO A 272 3.20 -6.17 -16.88
CA PRO A 272 2.92 -4.91 -17.57
C PRO A 272 1.95 -5.06 -18.73
N ASN A 273 1.96 -6.24 -19.38
CA ASN A 273 1.07 -6.47 -20.50
C ASN A 273 -0.38 -6.23 -20.11
N SER A 274 -0.74 -6.63 -18.90
CA SER A 274 -2.14 -6.51 -18.53
C SER A 274 -2.42 -5.10 -18.01
N ALA A 275 -1.36 -4.43 -17.53
CA ALA A 275 -1.42 -3.01 -17.20
C ALA A 275 -1.86 -2.21 -18.43
N LEU A 276 -1.02 -2.23 -19.47
CA LEU A 276 -1.27 -1.58 -20.75
C LEU A 276 -2.65 -1.91 -21.26
N GLN A 277 -2.98 -3.22 -21.34
CA GLN A 277 -4.29 -3.69 -21.78
C GLN A 277 -5.45 -2.92 -21.16
N ARG A 278 -5.40 -2.71 -19.84
CA ARG A 278 -6.53 -2.20 -19.11
C ARG A 278 -6.46 -0.67 -18.84
N GLY A 279 -5.22 -0.18 -18.79
CA GLY A 279 -4.96 1.21 -18.48
C GLY A 279 -4.87 1.58 -16.99
N LYS A 280 -4.81 0.55 -16.15
CA LYS A 280 -4.63 0.67 -14.72
C LYS A 280 -3.61 -0.39 -14.32
N VAL A 281 -2.74 -0.07 -13.38
CA VAL A 281 -1.77 -1.02 -12.86
C VAL A 281 -2.39 -1.83 -11.71
N PHE A 282 -3.43 -1.31 -11.10
CA PHE A 282 -3.97 -1.88 -9.87
C PHE A 282 -5.44 -2.13 -10.13
N ASN A 283 -5.74 -3.21 -10.85
CA ASN A 283 -7.11 -3.56 -11.21
C ASN A 283 -7.84 -4.03 -9.96
N ARG A 284 -8.58 -3.12 -9.34
CA ARG A 284 -9.43 -3.42 -8.19
C ARG A 284 -10.91 -3.42 -8.65
N PRO A 285 -11.56 -4.60 -8.86
CA PRO A 285 -13.00 -4.64 -9.15
C PRO A 285 -13.80 -4.81 -7.85
N PRO B 7 -11.81 31.44 -7.94
CA PRO B 7 -12.61 30.20 -8.12
C PRO B 7 -12.00 29.18 -9.09
N LEU B 8 -12.23 29.38 -10.40
CA LEU B 8 -11.69 28.49 -11.44
C LEU B 8 -10.36 28.80 -12.09
N VAL B 9 -9.30 28.05 -11.73
CA VAL B 9 -7.91 28.34 -12.12
C VAL B 9 -7.68 27.82 -13.53
N TYR B 10 -6.84 28.52 -14.35
CA TYR B 10 -6.55 28.01 -15.69
C TYR B 10 -5.05 27.90 -15.92
N THR B 11 -4.48 26.74 -15.55
CA THR B 11 -3.04 26.49 -15.48
C THR B 11 -2.37 26.54 -16.86
N HIS B 12 -2.99 25.86 -17.85
CA HIS B 12 -2.37 25.77 -19.16
C HIS B 12 -2.42 27.15 -19.80
N GLY B 13 -3.62 27.75 -19.78
CA GLY B 13 -3.84 29.06 -20.37
C GLY B 13 -2.80 30.07 -19.88
N GLY B 14 -2.50 29.98 -18.59
CA GLY B 14 -1.56 30.91 -18.00
C GLY B 14 -0.13 30.65 -18.45
N LYS B 15 0.23 29.38 -18.69
CA LYS B 15 1.58 29.05 -19.10
C LYS B 15 1.73 29.44 -20.58
N LEU B 16 0.67 29.22 -21.36
CA LEU B 16 0.62 29.84 -22.66
C LEU B 16 0.92 31.33 -22.55
N GLU B 17 0.21 32.01 -21.64
CA GLU B 17 0.30 33.45 -21.51
C GLU B 17 1.70 33.86 -21.05
N ARG B 18 2.27 33.09 -20.13
CA ARG B 18 3.59 33.36 -19.60
C ARG B 18 4.63 33.13 -20.70
N LYS B 19 4.58 31.94 -21.32
CA LYS B 19 5.55 31.54 -22.33
C LYS B 19 5.64 32.58 -23.43
N SER B 20 4.54 33.28 -23.71
CA SER B 20 4.58 34.14 -24.88
C SER B 20 5.10 35.54 -24.55
N LYS B 21 4.86 36.04 -23.32
CA LYS B 21 5.43 37.29 -22.85
C LYS B 21 6.94 37.18 -22.75
N LYS B 22 7.42 35.99 -22.40
CA LYS B 22 8.80 35.62 -22.24
C LYS B 22 9.43 35.50 -23.64
N ASP B 23 9.10 34.42 -24.34
CA ASP B 23 9.67 34.06 -25.63
C ASP B 23 8.79 34.62 -26.74
N LYS B 24 9.28 35.67 -27.42
CA LYS B 24 8.55 36.36 -28.47
C LYS B 24 8.48 35.54 -29.76
N THR B 25 9.48 34.67 -29.97
CA THR B 25 9.47 33.69 -31.06
C THR B 25 8.24 32.83 -30.92
N ALA B 26 7.98 32.35 -29.70
CA ALA B 26 6.90 31.41 -29.42
C ALA B 26 5.57 32.11 -29.58
N SER B 27 5.54 33.36 -29.15
CA SER B 27 4.36 34.19 -29.35
C SER B 27 3.90 34.14 -30.81
N LYS B 28 4.82 34.39 -31.77
CA LYS B 28 4.53 34.35 -33.19
C LYS B 28 4.09 32.95 -33.62
N VAL B 29 4.74 31.92 -33.09
CA VAL B 29 4.37 30.54 -33.43
C VAL B 29 2.93 30.29 -32.98
N PHE B 30 2.55 30.81 -31.82
CA PHE B 30 1.23 30.60 -31.27
C PHE B 30 0.14 31.20 -32.16
N GLU B 31 0.44 32.33 -32.76
CA GLU B 31 -0.57 33.04 -33.58
C GLU B 31 -0.65 32.42 -34.95
N GLU B 32 0.49 32.09 -35.53
CA GLU B 32 0.60 31.54 -36.87
C GLU B 32 -0.12 30.21 -36.96
N PHE B 33 0.01 29.39 -35.92
CA PHE B 33 -0.58 28.06 -35.94
C PHE B 33 -1.86 28.03 -35.12
N GLY B 34 -2.30 29.19 -34.68
CA GLY B 34 -3.64 29.33 -34.13
C GLY B 34 -3.85 28.57 -32.81
N VAL B 35 -2.79 28.53 -31.99
CA VAL B 35 -2.82 27.90 -30.69
C VAL B 35 -3.84 28.59 -29.79
N MET B 36 -3.86 29.94 -29.80
CA MET B 36 -4.77 30.66 -28.94
C MET B 36 -6.25 30.31 -29.20
N GLU B 37 -6.62 30.26 -30.49
CA GLU B 37 -8.00 30.00 -30.87
C GLU B 37 -8.32 28.57 -30.45
N ALA B 38 -7.40 27.66 -30.75
CA ALA B 38 -7.51 26.26 -30.40
C ALA B 38 -7.75 26.13 -28.89
N TYR B 39 -6.98 26.88 -28.08
CA TYR B 39 -7.01 26.74 -26.65
C TYR B 39 -8.35 27.19 -26.10
N ASN B 40 -8.77 28.43 -26.41
CA ASN B 40 -10.02 28.99 -25.88
C ASN B 40 -11.20 28.20 -26.39
N CYS B 41 -11.06 27.62 -27.59
CA CYS B 41 -12.07 26.75 -28.10
C CYS B 41 -12.19 25.54 -27.17
N TRP B 42 -11.07 24.86 -26.91
CA TRP B 42 -11.00 23.81 -25.91
C TRP B 42 -11.65 24.25 -24.61
N LYS B 43 -11.29 25.45 -24.13
CA LYS B 43 -11.80 25.92 -22.85
C LYS B 43 -13.31 26.08 -22.89
N GLU B 44 -13.79 26.71 -23.97
CA GLU B 44 -15.19 27.06 -24.14
C GLU B 44 -16.00 25.77 -24.16
N ALA B 45 -15.55 24.84 -25.00
CA ALA B 45 -16.18 23.54 -25.18
C ALA B 45 -16.39 22.85 -23.84
N SER B 46 -15.44 23.05 -22.92
CA SER B 46 -15.33 22.30 -21.67
C SER B 46 -16.20 22.93 -20.60
N LEU B 47 -16.25 24.26 -20.56
CA LEU B 47 -16.98 24.90 -19.47
C LEU B 47 -18.49 24.73 -19.67
N CYS B 48 -18.89 24.58 -20.92
CA CYS B 48 -20.31 24.55 -21.16
C CYS B 48 -20.91 23.15 -20.93
N ILE B 49 -20.09 22.09 -20.91
CA ILE B 49 -20.51 20.80 -20.36
C ILE B 49 -20.70 20.95 -18.85
N GLN B 50 -21.93 21.01 -18.35
CA GLN B 50 -22.16 21.31 -16.93
C GLN B 50 -22.40 20.06 -16.09
N GLN B 51 -22.99 19.00 -16.66
CA GLN B 51 -23.31 17.78 -15.92
C GLN B 51 -22.08 16.86 -15.85
N ARG B 52 -22.18 15.77 -15.05
CA ARG B 52 -21.03 14.91 -14.82
C ARG B 52 -21.40 13.43 -14.85
N ASP B 53 -22.44 13.10 -15.62
CA ASP B 53 -22.76 11.72 -15.90
C ASP B 53 -21.69 11.17 -16.83
N LYS B 54 -21.67 9.86 -17.03
CA LYS B 54 -20.61 9.25 -17.82
C LYS B 54 -20.44 9.91 -19.18
N ASP B 55 -21.53 10.21 -19.90
CA ASP B 55 -21.38 10.75 -21.28
C ASP B 55 -20.80 12.16 -21.23
N SER B 56 -21.29 12.98 -20.32
CA SER B 56 -20.70 14.29 -20.02
C SER B 56 -19.18 14.18 -19.94
N VAL B 57 -18.69 13.25 -19.11
CA VAL B 57 -17.26 13.11 -18.89
C VAL B 57 -16.58 12.65 -20.18
N LEU B 58 -17.24 11.75 -20.91
CA LEU B 58 -16.66 11.25 -22.14
C LEU B 58 -16.46 12.41 -23.12
N LYS B 59 -17.44 13.32 -23.12
CA LYS B 59 -17.47 14.49 -23.99
C LYS B 59 -16.26 15.38 -23.69
N LEU B 60 -16.00 15.64 -22.39
CA LEU B 60 -14.85 16.45 -21.99
C LEU B 60 -13.60 15.82 -22.55
N VAL B 61 -13.51 14.49 -22.43
CA VAL B 61 -12.31 13.78 -22.90
C VAL B 61 -12.15 14.00 -24.41
N ALA B 62 -13.28 13.92 -25.14
CA ALA B 62 -13.35 14.23 -26.56
C ALA B 62 -12.65 15.57 -26.85
N ALA B 63 -13.07 16.62 -26.14
CA ALA B 63 -12.50 17.94 -26.35
C ALA B 63 -11.00 17.92 -26.04
N LEU B 64 -10.65 17.27 -24.90
CA LEU B 64 -9.27 17.06 -24.51
C LEU B 64 -8.47 16.51 -25.68
N ASN B 65 -8.87 15.35 -26.19
CA ASN B 65 -8.19 14.72 -27.31
C ASN B 65 -8.03 15.70 -28.48
N THR B 66 -9.14 16.38 -28.86
CA THR B 66 -9.07 17.31 -29.97
C THR B 66 -7.95 18.32 -29.72
N TYR B 67 -7.99 18.99 -28.56
CA TYR B 67 -7.08 20.11 -28.31
C TYR B 67 -5.64 19.60 -28.34
N LYS B 68 -5.44 18.41 -27.73
CA LYS B 68 -4.14 17.81 -27.70
C LYS B 68 -3.64 17.53 -29.13
N ASP B 69 -4.56 16.99 -29.96
CA ASP B 69 -4.29 16.68 -31.35
C ASP B 69 -3.97 17.96 -32.11
N ALA B 70 -4.67 19.04 -31.77
CA ALA B 70 -4.52 20.31 -32.45
C ALA B 70 -3.23 21.01 -32.10
N VAL B 71 -2.79 20.97 -30.84
CA VAL B 71 -1.57 21.67 -30.51
C VAL B 71 -0.18 20.99 -30.14
N GLU B 72 -0.32 19.78 -29.59
CA GLU B 72 0.90 19.07 -29.26
C GLU B 72 1.96 19.03 -30.36
N PRO B 73 1.62 18.65 -31.61
CA PRO B 73 2.57 18.75 -32.72
C PRO B 73 3.31 20.09 -32.80
N ILE B 74 2.59 21.19 -32.56
CA ILE B 74 3.24 22.49 -32.62
C ILE B 74 4.25 22.56 -31.47
N PHE B 75 3.84 22.11 -30.28
CA PHE B 75 4.72 22.18 -29.13
C PHE B 75 5.99 21.38 -29.37
N ASP B 76 5.88 20.23 -30.08
CA ASP B 76 7.03 19.38 -30.36
C ASP B 76 7.93 20.01 -31.42
N SER B 77 7.38 20.24 -32.62
CA SER B 77 8.10 20.75 -33.77
C SER B 77 8.63 22.16 -33.56
N ARG B 78 7.73 23.07 -33.21
CA ARG B 78 8.05 24.48 -33.39
C ARG B 78 8.53 25.10 -32.07
N LEU B 79 8.72 24.29 -31.01
CA LEU B 79 9.17 24.88 -29.76
C LEU B 79 10.34 24.13 -29.11
N ASN B 80 11.47 24.86 -29.06
CA ASN B 80 12.70 24.71 -28.28
C ASN B 80 12.56 23.73 -27.12
N SER B 81 11.71 24.05 -26.14
CA SER B 81 11.58 23.35 -24.88
C SER B 81 10.12 23.51 -24.48
N ALA B 82 9.41 22.38 -24.28
CA ALA B 82 7.94 22.44 -24.18
C ALA B 82 7.41 21.29 -23.32
N GLN B 83 8.22 20.25 -23.12
CA GLN B 83 7.74 19.12 -22.32
C GLN B 83 8.02 19.37 -20.84
N GLU B 84 8.68 20.50 -20.54
CA GLU B 84 8.98 20.90 -19.17
C GLU B 84 7.69 21.23 -18.44
N VAL B 85 6.94 22.23 -18.95
CA VAL B 85 5.69 22.52 -18.28
C VAL B 85 4.55 22.76 -19.28
N LEU B 86 4.89 23.20 -20.49
CA LEU B 86 3.87 23.57 -21.47
C LEU B 86 2.90 22.41 -21.75
N GLN B 87 3.45 21.25 -22.08
CA GLN B 87 2.67 20.08 -22.47
C GLN B 87 2.01 19.44 -21.26
N PRO B 88 2.76 19.20 -20.15
CA PRO B 88 2.15 18.69 -18.91
C PRO B 88 0.98 19.48 -18.34
N SER B 89 0.99 20.80 -18.55
CA SER B 89 -0.04 21.67 -18.02
C SER B 89 -1.41 21.41 -18.67
N ILE B 90 -1.43 20.86 -19.89
CA ILE B 90 -2.71 20.55 -20.51
C ILE B 90 -3.53 19.64 -19.60
N LEU B 91 -2.95 18.54 -19.13
CA LEU B 91 -3.74 17.63 -18.30
C LEU B 91 -4.09 18.30 -16.98
N GLU B 92 -3.21 19.20 -16.48
CA GLU B 92 -3.42 19.89 -15.22
C GLU B 92 -4.71 20.69 -15.34
N GLU B 93 -4.76 21.54 -16.37
CA GLU B 93 -5.93 22.33 -16.66
C GLU B 93 -7.14 21.41 -16.92
N PHE B 94 -6.91 20.29 -17.59
CA PHE B 94 -8.01 19.38 -17.84
C PHE B 94 -8.66 18.98 -16.52
N PHE B 95 -7.83 18.73 -15.51
CA PHE B 95 -8.38 18.27 -14.25
C PHE B 95 -9.16 19.40 -13.60
N GLU B 96 -8.74 20.64 -13.90
CA GLU B 96 -9.44 21.82 -13.43
C GLU B 96 -10.86 21.81 -14.00
N TYR B 97 -11.00 21.57 -15.30
CA TYR B 97 -12.34 21.47 -15.87
C TYR B 97 -13.12 20.29 -15.28
N LEU B 98 -12.47 19.12 -15.17
CA LEU B 98 -13.14 17.90 -14.78
C LEU B 98 -13.76 18.07 -13.39
N PHE B 99 -13.13 18.87 -12.52
CA PHE B 99 -13.57 18.96 -11.15
C PHE B 99 -14.13 20.34 -10.81
N SER B 100 -14.57 21.08 -11.84
CA SER B 100 -15.01 22.46 -11.68
C SER B 100 -16.35 22.53 -10.99
N ARG B 101 -17.09 21.42 -10.97
CA ARG B 101 -18.44 21.48 -10.45
C ARG B 101 -18.52 20.60 -9.21
N ILE B 102 -17.55 20.64 -8.28
CA ILE B 102 -17.60 19.67 -7.19
C ILE B 102 -18.20 20.27 -5.94
N ASP B 103 -18.15 21.60 -5.85
CA ASP B 103 -18.73 22.31 -4.72
C ASP B 103 -20.19 21.89 -4.55
N SER B 104 -20.94 22.00 -5.65
CA SER B 104 -22.37 21.76 -5.70
C SER B 104 -22.65 20.29 -5.44
N ILE B 105 -21.65 19.42 -5.64
CA ILE B 105 -21.85 17.98 -5.55
C ILE B 105 -21.37 17.43 -4.20
N VAL B 106 -20.38 18.08 -3.56
CA VAL B 106 -19.81 17.47 -2.38
C VAL B 106 -20.22 18.26 -1.16
N GLY B 107 -21.01 19.34 -1.34
CA GLY B 107 -21.46 20.05 -0.16
C GLY B 107 -20.64 21.28 0.18
N VAL B 108 -19.31 21.23 0.12
CA VAL B 108 -18.51 22.36 0.60
C VAL B 108 -17.97 23.16 -0.59
N ASN B 109 -17.47 24.37 -0.31
CA ASN B 109 -16.76 25.20 -1.27
C ASN B 109 -15.27 24.93 -1.12
N ILE B 110 -14.75 24.09 -2.01
CA ILE B 110 -13.35 23.67 -1.99
C ILE B 110 -12.50 24.80 -2.56
N PRO B 111 -11.52 25.35 -1.78
CA PRO B 111 -10.63 26.40 -2.27
C PRO B 111 -9.65 25.94 -3.34
N ILE B 112 -9.12 24.70 -3.28
CA ILE B 112 -7.94 24.35 -4.06
C ILE B 112 -8.22 23.17 -4.99
N ARG B 113 -8.09 23.44 -6.30
CA ARG B 113 -8.18 22.49 -7.39
C ARG B 113 -7.24 22.93 -8.51
N HIS B 114 -5.96 22.92 -8.22
CA HIS B 114 -4.90 23.30 -9.17
C HIS B 114 -3.60 22.67 -8.74
N PRO B 115 -2.49 22.87 -9.47
CA PRO B 115 -1.18 22.48 -8.96
C PRO B 115 -0.94 23.15 -7.61
N ALA B 116 -0.21 22.49 -6.72
CA ALA B 116 -0.01 23.09 -5.40
C ALA B 116 1.14 22.40 -4.66
N LYS B 117 1.71 23.05 -3.63
CA LYS B 117 2.74 22.44 -2.81
C LYS B 117 2.06 21.72 -1.66
N GLY B 118 2.12 20.40 -1.60
CA GLY B 118 1.41 19.71 -0.51
C GLY B 118 2.28 19.52 0.72
N TYR B 119 1.74 19.84 1.91
CA TYR B 119 2.50 19.76 3.15
C TYR B 119 3.19 18.41 3.35
N LEU B 120 4.41 18.41 3.91
CA LEU B 120 5.06 17.14 4.28
C LEU B 120 5.56 17.15 5.72
N SER B 121 6.39 18.12 6.10
CA SER B 121 6.96 18.02 7.43
C SER B 121 7.15 19.41 8.06
N LEU B 122 7.34 19.39 9.38
CA LEU B 122 7.72 20.54 10.18
C LEU B 122 8.92 20.14 11.03
N SER B 123 10.04 20.80 10.82
CA SER B 123 11.13 20.59 11.76
C SER B 123 11.64 21.94 12.25
N PHE B 124 12.35 21.90 13.38
CA PHE B 124 12.79 23.09 14.07
C PHE B 124 14.29 23.26 13.92
N ASN B 125 14.75 24.43 13.47
CA ASN B 125 16.16 24.66 13.24
C ASN B 125 16.52 26.03 13.82
N PRO B 126 16.49 26.18 15.17
CA PRO B 126 16.56 27.50 15.80
C PRO B 126 17.96 28.09 15.59
N HIS B 127 18.04 29.41 15.49
CA HIS B 127 19.32 30.09 15.19
C HIS B 127 20.31 29.87 16.33
N ASN B 128 19.86 30.15 17.55
CA ASN B 128 20.67 29.89 18.72
C ASN B 128 19.75 29.61 19.91
N ILE B 129 20.32 29.49 21.13
CA ILE B 129 19.57 29.15 22.32
C ILE B 129 18.51 30.22 22.61
N GLU B 130 18.85 31.51 22.36
CA GLU B 130 17.94 32.63 22.61
C GLU B 130 16.68 32.49 21.75
N THR B 131 16.84 32.46 20.41
CA THR B 131 15.76 32.29 19.43
C THR B 131 15.01 30.98 19.66
N LEU B 132 15.68 29.93 20.15
CA LEU B 132 15.02 28.66 20.45
C LEU B 132 13.90 28.90 21.44
N ILE B 133 14.22 29.52 22.59
CA ILE B 133 13.28 29.88 23.64
C ILE B 133 12.28 30.92 23.14
N GLN B 134 12.79 31.95 22.46
CA GLN B 134 12.08 33.19 22.24
C GLN B 134 11.11 33.07 21.08
N SER B 135 11.48 32.28 20.06
CA SER B 135 10.86 32.36 18.74
C SER B 135 11.53 31.36 17.81
N PRO B 136 11.34 30.03 17.97
CA PRO B 136 12.20 29.08 17.26
C PRO B 136 12.01 29.17 15.74
N GLU B 137 13.10 29.23 14.97
CA GLU B 137 13.03 29.19 13.52
C GLU B 137 12.68 27.78 13.05
N TYR B 138 11.79 27.67 12.06
CA TYR B 138 11.41 26.33 11.65
C TYR B 138 11.38 26.22 10.14
N THR B 139 11.22 25.01 9.63
CA THR B 139 11.03 24.84 8.21
C THR B 139 9.82 23.96 7.96
N VAL B 140 8.98 24.40 7.02
CA VAL B 140 7.95 23.52 6.47
C VAL B 140 8.44 22.97 5.14
N ARG B 141 8.48 21.64 5.02
CA ARG B 141 8.81 21.01 3.75
C ARG B 141 7.50 20.63 3.05
N ALA B 142 7.30 21.14 1.83
CA ALA B 142 6.15 20.73 1.01
C ALA B 142 6.66 20.21 -0.33
N LYS B 143 5.74 19.77 -1.20
CA LYS B 143 6.14 19.14 -2.46
C LYS B 143 5.15 19.46 -3.57
N ASP B 144 5.70 19.93 -4.68
CA ASP B 144 4.94 20.21 -5.90
C ASP B 144 4.19 18.97 -6.34
N HIS B 145 2.87 19.13 -6.50
CA HIS B 145 2.05 18.15 -7.20
C HIS B 145 1.36 18.79 -8.39
N ASP B 146 1.17 18.00 -9.44
CA ASP B 146 0.57 18.46 -10.67
C ASP B 146 -0.86 18.95 -10.43
N PHE B 147 -1.61 18.30 -9.53
CA PHE B 147 -2.98 18.71 -9.30
C PHE B 147 -3.43 18.24 -7.93
N ILE B 148 -4.06 19.15 -7.16
CA ILE B 148 -4.51 18.88 -5.81
C ILE B 148 -5.92 19.41 -5.67
N ILE B 149 -6.80 18.57 -5.14
CA ILE B 149 -7.98 19.02 -4.44
C ILE B 149 -7.61 19.02 -2.96
N GLY B 150 -7.74 20.17 -2.29
CA GLY B 150 -7.52 20.24 -0.85
C GLY B 150 -7.87 21.61 -0.27
N GLY B 151 -7.40 21.84 0.99
CA GLY B 151 -7.64 23.09 1.71
C GLY B 151 -6.36 23.88 2.05
N SER B 152 -6.48 25.21 2.25
CA SER B 152 -5.36 26.00 2.73
C SER B 152 -5.40 26.05 4.24
N ALA B 153 -4.23 26.05 4.89
CA ALA B 153 -4.27 26.30 6.32
C ALA B 153 -3.12 27.23 6.71
N LYS B 154 -3.28 27.90 7.87
CA LYS B 154 -2.19 28.73 8.40
C LYS B 154 -1.59 28.03 9.62
N LEU B 155 -0.26 27.95 9.63
CA LEU B 155 0.48 27.26 10.67
C LEU B 155 1.32 28.31 11.35
N THR B 156 1.10 28.46 12.67
CA THR B 156 1.88 29.40 13.45
C THR B 156 2.59 28.69 14.58
N ILE B 157 3.85 29.10 14.79
CA ILE B 157 4.66 28.69 15.93
C ILE B 157 4.93 29.95 16.73
N GLN B 158 4.63 29.92 18.03
CA GLN B 158 4.90 31.03 18.91
C GLN B 158 5.84 30.57 20.01
N GLY B 159 6.83 31.44 20.35
CA GLY B 159 7.90 31.17 21.29
C GLY B 159 7.56 31.59 22.72
N HIS B 160 8.52 32.17 23.44
CA HIS B 160 8.17 32.74 24.73
C HIS B 160 7.57 34.12 24.49
N GLY B 161 8.36 34.99 23.90
CA GLY B 161 7.84 36.35 23.72
C GLY B 161 7.73 36.67 22.27
N GLY B 162 6.51 36.82 21.76
CA GLY B 162 6.50 37.12 20.33
C GLY B 162 5.18 36.85 19.67
N GLU B 163 5.17 37.12 18.38
CA GLU B 163 3.97 37.05 17.52
C GLU B 163 3.94 35.71 16.81
N GLY B 164 5.02 34.96 16.80
CA GLY B 164 4.80 33.73 16.06
C GLY B 164 4.90 33.90 14.55
N GLU B 165 5.88 33.20 13.96
CA GLU B 165 5.99 33.03 12.53
C GLU B 165 4.82 32.20 12.00
N THR B 166 4.14 32.72 10.97
CA THR B 166 3.10 31.97 10.30
C THR B 166 3.59 31.51 8.93
N THR B 167 3.16 30.31 8.54
CA THR B 167 3.41 29.78 7.21
C THR B 167 2.07 29.36 6.62
N ASN B 168 1.85 29.69 5.34
CA ASN B 168 0.73 29.11 4.61
C ASN B 168 1.04 27.71 4.12
N ILE B 169 0.08 26.79 4.29
CA ILE B 169 0.37 25.43 3.88
C ILE B 169 -0.85 24.90 3.14
N VAL B 170 -0.66 23.83 2.36
CA VAL B 170 -1.77 23.18 1.67
C VAL B 170 -1.91 21.73 2.10
N VAL B 171 -3.10 21.39 2.56
CA VAL B 171 -3.40 20.05 3.06
C VAL B 171 -4.28 19.35 2.03
N PRO B 172 -3.70 18.42 1.23
CA PRO B 172 -4.40 17.86 0.08
C PRO B 172 -5.31 16.72 0.48
N ALA B 173 -6.39 16.52 -0.29
CA ALA B 173 -7.27 15.36 -0.11
C ALA B 173 -7.06 14.38 -1.27
N VAL B 174 -6.72 14.94 -2.43
CA VAL B 174 -6.40 14.14 -3.60
C VAL B 174 -5.20 14.83 -4.24
N ALA B 175 -4.22 14.04 -4.67
CA ALA B 175 -3.08 14.61 -5.38
C ALA B 175 -2.83 13.73 -6.60
N ILE B 176 -2.68 14.38 -7.75
CA ILE B 176 -2.50 13.66 -9.01
C ILE B 176 -1.24 14.15 -9.70
N GLU B 177 -0.34 13.22 -10.00
CA GLU B 177 0.79 13.51 -10.87
C GLU B 177 0.37 13.27 -12.32
N CYS B 178 0.87 14.14 -13.20
CA CYS B 178 0.56 14.13 -14.63
C CYS B 178 1.83 14.09 -15.44
N LYS B 179 2.03 12.95 -16.12
CA LYS B 179 3.24 12.77 -16.90
C LYS B 179 2.85 12.25 -18.27
N ARG B 180 3.55 12.72 -19.31
CA ARG B 180 3.27 12.28 -20.67
C ARG B 180 3.57 10.80 -20.77
N TYR B 181 4.83 10.44 -20.49
CA TYR B 181 5.21 9.04 -20.37
C TYR B 181 5.82 8.75 -19.00
N LEU B 182 5.61 7.51 -18.55
CA LEU B 182 6.02 7.01 -17.25
C LEU B 182 7.14 5.99 -17.41
N GLU B 183 8.38 6.39 -17.12
CA GLU B 183 9.54 5.50 -17.06
C GLU B 183 9.94 5.13 -15.64
N ARG B 184 10.58 3.97 -15.49
CA ARG B 184 11.01 3.43 -14.17
C ARG B 184 11.52 4.56 -13.26
N ASN B 185 12.50 5.33 -13.74
CA ASN B 185 13.08 6.40 -12.97
C ASN B 185 12.11 7.33 -12.23
N MET B 186 10.98 7.61 -12.88
CA MET B 186 9.98 8.56 -12.41
C MET B 186 9.02 7.85 -11.46
N LEU B 187 8.75 6.57 -11.71
CA LEU B 187 7.82 5.79 -10.90
C LEU B 187 8.43 5.49 -9.52
N ASP B 188 9.75 5.70 -9.41
CA ASP B 188 10.44 5.58 -8.14
C ASP B 188 10.24 6.88 -7.38
N GLU B 189 10.52 8.02 -8.02
CA GLU B 189 10.19 9.31 -7.43
C GLU B 189 8.80 9.23 -6.81
N CYS B 190 7.84 8.64 -7.53
CA CYS B 190 6.44 8.72 -7.14
C CYS B 190 6.15 7.84 -5.95
N ALA B 191 6.81 6.67 -5.91
CA ALA B 191 6.81 5.77 -4.77
C ALA B 191 7.37 6.50 -3.55
N GLY B 192 8.44 7.26 -3.81
CA GLY B 192 9.22 7.95 -2.80
C GLY B 192 8.39 9.05 -2.14
N THR B 193 7.67 9.82 -2.97
CA THR B 193 6.91 10.89 -2.37
C THR B 193 5.58 10.35 -1.85
N ALA B 194 5.04 9.29 -2.46
CA ALA B 194 3.88 8.65 -1.85
C ALA B 194 4.17 8.33 -0.38
N GLU B 195 5.34 7.75 -0.08
CA GLU B 195 5.69 7.39 1.30
C GLU B 195 5.59 8.62 2.17
N ARG B 196 6.34 9.68 1.80
CA ARG B 196 6.33 10.94 2.54
C ARG B 196 4.89 11.45 2.69
N LEU B 197 4.24 11.61 1.54
CA LEU B 197 2.87 12.12 1.47
C LEU B 197 1.94 11.37 2.41
N LYS B 198 2.06 10.04 2.49
CA LYS B 198 1.10 9.29 3.29
C LYS B 198 1.40 9.46 4.77
N ARG B 199 2.66 9.74 5.15
CA ARG B 199 3.01 10.04 6.53
C ARG B 199 2.40 11.38 6.91
N ALA B 200 2.51 12.38 6.03
CA ALA B 200 2.05 13.73 6.32
C ALA B 200 0.52 13.77 6.29
N THR B 201 -0.08 13.21 5.24
CA THR B 201 -1.52 13.35 5.03
C THR B 201 -2.10 11.96 4.75
N PRO B 202 -2.23 11.09 5.77
CA PRO B 202 -2.68 9.72 5.59
C PRO B 202 -3.93 9.51 4.76
N TYR B 203 -4.78 10.51 4.64
CA TYR B 203 -6.04 10.27 3.94
C TYR B 203 -6.05 10.91 2.56
N CYS B 204 -4.87 11.35 2.08
CA CYS B 204 -4.76 11.95 0.78
C CYS B 204 -4.64 10.83 -0.25
N LEU B 205 -5.58 10.73 -1.20
CA LEU B 205 -5.50 9.77 -2.29
C LEU B 205 -4.36 10.20 -3.22
N TYR B 206 -3.65 9.25 -3.81
CA TYR B 206 -2.49 9.65 -4.61
C TYR B 206 -2.42 8.87 -5.91
N PHE B 207 -2.46 9.59 -7.04
CA PHE B 207 -2.49 8.96 -8.35
C PHE B 207 -1.32 9.40 -9.20
N VAL B 208 -0.86 8.50 -10.07
CA VAL B 208 -0.07 8.92 -11.21
C VAL B 208 -0.92 8.71 -12.47
N VAL B 209 -0.89 9.69 -13.37
CA VAL B 209 -1.62 9.58 -14.61
C VAL B 209 -0.64 9.85 -15.75
N ALA B 210 -0.56 8.86 -16.63
CA ALA B 210 0.36 8.97 -17.75
C ALA B 210 -0.37 8.60 -19.04
N GLU B 211 0.23 9.06 -20.15
CA GLU B 211 -0.29 8.78 -21.47
C GLU B 211 0.36 7.50 -21.99
N TYR B 212 1.68 7.44 -21.89
CA TYR B 212 2.45 6.25 -22.35
C TYR B 212 3.30 5.74 -21.18
N LEU B 213 3.42 4.41 -21.08
CA LEU B 213 4.23 3.78 -20.00
C LEU B 213 5.29 2.86 -20.62
N LYS B 214 6.54 2.99 -20.19
CA LYS B 214 7.65 2.16 -20.72
C LYS B 214 7.47 0.71 -20.24
N LEU B 215 7.63 -0.25 -21.15
CA LEU B 215 7.48 -1.69 -20.82
C LEU B 215 8.74 -2.18 -20.09
N ASP B 216 9.53 -2.97 -20.83
CA ASP B 216 10.76 -3.50 -20.23
C ASP B 216 11.40 -2.28 -19.57
N ASP B 217 11.65 -2.38 -18.26
CA ASP B 217 12.25 -1.30 -17.44
C ASP B 217 12.58 -1.93 -16.09
N GLY B 218 11.75 -2.90 -15.68
CA GLY B 218 11.98 -3.65 -14.44
C GLY B 218 10.84 -3.47 -13.48
N ALA B 219 10.58 -4.46 -12.64
CA ALA B 219 9.48 -4.34 -11.67
C ALA B 219 9.74 -3.08 -10.85
N PRO B 220 8.78 -2.13 -10.86
CA PRO B 220 8.95 -0.86 -10.16
C PRO B 220 8.46 -0.93 -8.70
N GLU B 221 8.61 0.20 -8.01
CA GLU B 221 8.23 0.42 -6.61
C GLU B 221 6.90 1.20 -6.65
N LEU B 222 5.77 0.56 -6.36
CA LEU B 222 4.44 1.24 -6.37
C LEU B 222 3.94 1.18 -4.94
N THR B 223 4.88 1.29 -4.04
CA THR B 223 4.75 1.14 -2.57
C THR B 223 3.43 1.71 -2.06
N GLU B 224 3.12 2.94 -2.40
CA GLU B 224 1.92 3.46 -1.75
C GLU B 224 1.14 4.45 -2.60
N ILE B 225 1.26 4.26 -3.91
CA ILE B 225 0.50 4.97 -4.92
C ILE B 225 -0.85 4.26 -5.10
N ASP B 226 -1.93 5.02 -5.07
CA ASP B 226 -3.24 4.40 -5.02
C ASP B 226 -3.67 3.87 -6.39
N GLU B 227 -3.15 4.48 -7.45
CA GLU B 227 -3.52 4.02 -8.78
C GLU B 227 -2.54 4.64 -9.75
N ILE B 228 -2.11 3.84 -10.74
CA ILE B 228 -1.49 4.46 -11.90
C ILE B 228 -2.47 4.32 -13.06
N TYR B 229 -2.42 5.28 -13.98
CA TYR B 229 -3.25 5.28 -15.16
C TYR B 229 -2.36 5.49 -16.37
N ILE B 230 -2.40 4.52 -17.29
CA ILE B 230 -1.81 4.71 -18.61
C ILE B 230 -2.94 4.99 -19.60
N LEU B 231 -3.06 6.24 -20.06
CA LEU B 231 -4.33 6.71 -20.60
C LEU B 231 -4.59 6.19 -22.02
N ARG B 232 -3.49 6.04 -22.79
CA ARG B 232 -3.51 5.69 -24.21
C ARG B 232 -3.28 4.19 -24.42
N HIS B 233 -3.18 3.43 -23.33
CA HIS B 233 -2.94 1.99 -23.40
C HIS B 233 -1.69 1.64 -24.21
N GLN B 234 -0.75 2.56 -24.44
CA GLN B 234 0.35 2.28 -25.36
C GLN B 234 1.73 2.28 -24.71
N ARG B 235 2.73 1.78 -25.46
CA ARG B 235 4.12 1.79 -24.95
C ARG B 235 4.76 3.09 -25.44
N ASN B 236 5.78 3.54 -24.75
CA ASN B 236 6.39 4.80 -25.11
C ASN B 236 7.49 4.66 -26.17
N SER B 237 7.50 3.51 -26.85
CA SER B 237 8.53 3.28 -27.85
C SER B 237 7.93 3.25 -29.26
N GLU B 238 6.61 3.46 -29.37
CA GLU B 238 5.90 3.40 -30.64
C GLU B 238 5.74 4.80 -31.21
N ARG B 239 6.13 5.81 -30.42
CA ARG B 239 5.95 7.20 -30.78
C ARG B 239 6.97 7.73 -31.78
N ASN B 240 8.12 7.06 -31.92
CA ASN B 240 9.16 7.53 -32.83
C ASN B 240 9.57 6.35 -33.74
N LYS B 241 8.56 5.84 -34.44
CA LYS B 241 8.75 4.68 -35.31
C LYS B 241 8.08 5.09 -36.62
N PRO B 242 8.28 4.32 -37.72
CA PRO B 242 7.73 4.67 -39.03
C PRO B 242 6.31 5.25 -39.02
N GLY B 243 5.37 4.50 -38.42
CA GLY B 243 3.96 4.84 -38.48
C GLY B 243 3.41 5.25 -37.11
N PHE B 244 3.25 6.56 -36.92
CA PHE B 244 2.82 7.24 -35.70
C PHE B 244 1.76 6.42 -34.95
N LYS B 245 0.49 6.77 -35.17
CA LYS B 245 -0.73 6.09 -34.76
C LYS B 245 -0.95 6.07 -33.24
N PRO B 246 -0.99 7.24 -32.55
CA PRO B 246 -1.25 7.26 -31.11
C PRO B 246 -2.73 7.07 -30.81
N ASN B 247 -3.04 6.23 -29.82
CA ASN B 247 -4.39 5.92 -29.35
C ASN B 247 -5.01 7.15 -28.69
N PRO B 248 -6.34 7.39 -28.79
CA PRO B 248 -6.97 8.47 -28.04
C PRO B 248 -6.83 8.27 -26.53
N ILE B 249 -6.79 9.37 -25.78
CA ILE B 249 -6.84 9.24 -24.34
C ILE B 249 -8.19 8.59 -24.02
N ASP B 250 -8.15 7.47 -23.28
CA ASP B 250 -9.32 6.62 -23.08
C ASP B 250 -10.26 7.26 -22.08
N GLY B 251 -11.38 7.78 -22.59
CA GLY B 251 -12.42 8.35 -21.76
C GLY B 251 -12.90 7.40 -20.66
N GLU B 252 -12.71 6.10 -20.86
CA GLU B 252 -13.16 5.15 -19.85
C GLU B 252 -12.34 5.36 -18.58
N LEU B 253 -11.01 5.44 -18.73
CA LEU B 253 -10.09 5.64 -17.64
C LEU B 253 -10.38 6.95 -16.91
N ILE B 254 -10.58 8.05 -17.65
CA ILE B 254 -10.91 9.31 -17.01
C ILE B 254 -12.19 9.17 -16.19
N TRP B 255 -13.19 8.49 -16.77
CA TRP B 255 -14.45 8.27 -16.06
C TRP B 255 -14.22 7.55 -14.73
N ASP B 256 -13.36 6.53 -14.76
CA ASP B 256 -12.96 5.79 -13.57
C ASP B 256 -12.36 6.75 -12.54
N LEU B 257 -11.29 7.45 -12.94
CA LEU B 257 -10.54 8.33 -12.08
C LEU B 257 -11.50 9.30 -11.40
N TYR B 258 -12.48 9.80 -12.17
CA TYR B 258 -13.43 10.75 -11.63
C TYR B 258 -14.26 10.09 -10.52
N GLN B 259 -14.66 8.84 -10.79
CA GLN B 259 -15.54 8.10 -9.91
C GLN B 259 -14.80 7.84 -8.59
N GLU B 260 -13.50 7.51 -8.66
CA GLU B 260 -12.73 7.18 -7.46
C GLU B 260 -12.56 8.40 -6.56
N VAL B 261 -12.24 9.55 -7.18
CA VAL B 261 -11.99 10.77 -6.44
C VAL B 261 -13.26 11.24 -5.71
N MET B 262 -14.39 11.23 -6.43
CA MET B 262 -15.66 11.67 -5.86
C MET B 262 -16.07 10.77 -4.69
N ASN B 263 -15.84 9.45 -4.78
CA ASN B 263 -16.10 8.55 -3.66
C ASN B 263 -15.27 8.97 -2.45
N HIS B 264 -13.98 9.22 -2.71
CA HIS B 264 -13.03 9.59 -1.68
C HIS B 264 -13.55 10.81 -0.93
N LEU B 265 -13.99 11.85 -1.68
CA LEU B 265 -14.40 13.10 -1.09
C LEU B 265 -15.72 12.92 -0.34
N GLY B 266 -16.50 11.91 -0.75
CA GLY B 266 -17.76 11.58 -0.09
C GLY B 266 -17.57 10.82 1.23
N LYS B 267 -16.42 10.16 1.42
CA LYS B 267 -16.21 9.32 2.58
C LYS B 267 -15.83 10.15 3.80
N ILE B 268 -16.30 9.70 4.97
CA ILE B 268 -15.78 10.04 6.28
C ILE B 268 -14.39 9.44 6.37
N TRP B 269 -13.39 10.23 6.75
CA TRP B 269 -12.04 9.70 6.73
C TRP B 269 -11.64 9.22 8.12
N TRP B 270 -11.29 10.18 8.97
CA TRP B 270 -10.82 9.89 10.30
C TRP B 270 -12.05 9.97 11.22
N ASP B 271 -12.14 9.04 12.15
CA ASP B 271 -13.20 9.01 13.13
C ASP B 271 -12.60 8.36 14.37
N PRO B 272 -12.37 9.22 15.38
CA PRO B 272 -11.61 8.86 16.58
C PRO B 272 -12.35 7.87 17.47
N ASN B 273 -13.67 7.99 17.52
CA ASN B 273 -14.46 7.28 18.51
C ASN B 273 -15.63 6.52 17.91
N SER B 274 -15.52 6.16 16.62
CA SER B 274 -16.55 5.39 15.98
C SER B 274 -15.86 4.50 14.91
N ALA B 275 -14.70 3.97 15.32
CA ALA B 275 -13.90 3.09 14.48
C ALA B 275 -13.58 1.89 15.36
N LEU B 276 -14.62 1.17 15.79
CA LEU B 276 -14.57 -0.21 16.28
C LEU B 276 -15.18 -1.29 15.40
N GLN B 277 -16.31 -1.00 14.76
CA GLN B 277 -16.98 -1.99 13.88
C GLN B 277 -16.09 -2.39 12.69
N ARG B 278 -15.30 -1.46 12.17
CA ARG B 278 -14.49 -1.59 10.97
C ARG B 278 -13.84 -2.98 11.08
N GLY B 279 -13.06 -3.21 12.14
CA GLY B 279 -12.60 -4.54 12.54
C GLY B 279 -11.88 -5.32 11.43
N LYS B 280 -12.62 -6.24 10.79
CA LYS B 280 -12.07 -7.31 9.96
C LYS B 280 -12.91 -7.50 8.70
N VAL B 281 -13.69 -6.47 8.31
CA VAL B 281 -14.25 -6.47 6.97
C VAL B 281 -13.35 -5.53 6.16
N PHE B 282 -13.33 -5.66 4.83
CA PHE B 282 -12.53 -4.84 3.92
C PHE B 282 -11.09 -4.71 4.45
C1 EDO C . 4.91 -17.46 19.29
O1 EDO C . 4.08 -16.61 18.51
C2 EDO C . 4.90 -18.87 18.70
O2 EDO C . 4.96 -19.37 17.69
C1 EDO D . 15.80 -18.95 6.99
O1 EDO D . 16.60 -17.97 7.63
C2 EDO D . 16.71 -20.01 6.43
O2 EDO D . 16.03 -20.79 5.47
C1 PEG E . 17.03 -22.84 -1.58
O1 PEG E . 17.50 -22.98 -2.88
C2 PEG E . 18.22 -23.10 -0.72
O2 PEG E . 17.97 -22.77 0.63
C3 PEG E . 18.07 -23.94 1.41
C4 PEG E . 17.40 -23.80 2.77
O4 PEG E . 17.52 -24.99 3.55
C1 EDO F . 22.13 -25.12 -4.23
O1 EDO F . 23.43 -24.57 -4.48
C2 EDO F . 21.14 -24.33 -5.05
O2 EDO F . 20.05 -23.94 -4.22
I3 I3C G . 7.15 -16.78 15.32
I2 I3C G . 12.34 -18.90 12.67
I1 I3C G . 11.47 -19.60 18.76
O8 I3C G . 7.84 -18.93 18.36
O9 I3C G . 8.76 -16.97 18.67
C10 I3C G . 12.96 -19.80 15.80
N13 I3C G . 9.41 -17.49 13.06
C1 I3C G . 9.49 -18.23 16.80
C6 I3C G . 9.00 -17.74 15.47
C5 I3C G . 9.84 -17.94 14.27
C4 I3C G . 11.16 -18.63 14.37
C3 I3C G . 11.64 -19.11 15.70
C2 I3C G . 10.80 -18.92 16.90
C7 I3C G . 8.64 -18.03 18.02
O11 I3C G . 14.00 -19.11 15.86
O12 I3C G . 12.99 -21.06 15.82
I3 I3C H . 11.87 -20.64 22.70
I2 I3C H . 8.53 -20.35 27.92
I1 I3C H . 8.24 -25.40 24.33
O8 I3C H . 11.47 -24.25 22.56
O9 I3C H . 9.67 -23.57 21.52
C10 I3C H . 7.61 -23.37 26.89
N13 I3C H . 10.59 -19.54 25.51
C1 I3C H . 9.97 -22.87 23.76
C6 I3C H . 10.51 -21.51 24.04
C5 I3C H . 10.09 -20.78 25.26
C4 I3C H . 9.12 -21.39 26.21
C3 I3C H . 8.58 -22.75 25.93
C2 I3C H . 9.01 -23.48 24.71
C7 I3C H . 10.39 -23.61 22.53
O11 I3C H . 6.39 -23.37 26.60
O12 I3C H . 8.04 -23.88 27.95
I3 I3C I . 0.06 -39.80 23.20
I2 I3C I . -5.12 -43.15 23.82
I1 I3C I . -0.04 -44.66 27.03
O8 I3C I . 1.41 -41.28 26.37
O9 I3C I . 2.06 -42.56 24.72
C10 I3C I . -3.16 -44.83 25.92
N13 I3C I . -3.02 -40.84 22.82
C1 I3C I . -0.28 -42.28 25.04
C6 I3C I . -0.96 -41.40 24.07
C5 I3C I . -2.39 -41.65 23.70
C4 I3C I . -3.12 -42.79 24.32
C3 I3C I . -2.42 -43.67 25.30
C2 I3C I . -1.01 -43.42 25.65
C7 I3C I . 1.15 -42.02 25.41
O11 I3C I . -2.72 -45.98 25.78
O12 I3C I . -4.20 -44.60 26.57
I3 I3C J . 34.66 -9.14 -7.48
I2 I3C J . 34.33 -15.12 -9.06
I1 I3C J . 37.23 -11.08 -12.77
O8 I3C J . 37.45 -8.64 -10.02
O9 I3C J . 35.52 -8.21 -10.95
C10 I3C J . 36.03 -13.99 -11.68
N13 I3C J . 33.96 -12.34 -7.39
C1 I3C J . 35.85 -10.38 -10.07
C6 I3C J . 35.09 -10.68 -8.82
C5 I3C J . 34.65 -12.07 -8.53
C4 I3C J . 34.96 -13.17 -9.48
C3 I3C J . 35.72 -12.88 -10.72
C2 I3C J . 36.17 -11.48 -11.02
C7 I3C J . 36.30 -8.99 -10.36
O11 I3C J . 35.17 -14.32 -12.53
O12 I3C J . 37.14 -14.55 -11.62
C1 PEG K . -1.48 28.53 0.74
O1 PEG K . -2.70 28.18 0.11
C2 PEG K . -0.60 29.15 -0.31
O2 PEG K . 0.70 28.61 -0.17
C3 PEG K . 0.65 27.20 -0.07
C4 PEG K . 1.92 26.62 -0.61
O4 PEG K . 2.81 26.42 0.47
I3 I3C L . 3.03 25.46 -6.54
I2 I3C L . 3.45 20.88 -10.69
I1 I3C L . 6.10 26.36 -11.84
O8 I3C L . 5.69 27.22 -7.99
O9 I3C L . 4.19 27.98 -9.39
C10 I3C L . 5.16 23.21 -12.32
N13 I3C L . 2.67 22.55 -7.99
C1 I3C L . 4.50 25.63 -9.28
C6 I3C L . 3.71 24.74 -8.38
C5 I3C L . 3.40 23.36 -8.80
C4 I3C L . 3.88 22.84 -10.11
C3 I3C L . 4.68 23.72 -11.00
C2 I3C L . 4.99 25.12 -10.59
C7 I3C L . 4.81 27.04 -8.86
O11 I3C L . 4.47 23.42 -13.35
O12 I3C L . 6.25 22.58 -12.37
I3 I3C M . 11.18 25.73 -19.85
I2 I3C M . 9.03 27.24 -14.25
I1 I3C M . 5.95 29.00 -19.33
O8 I3C M . 7.83 26.48 -21.35
O9 I3C M . 9.00 28.32 -21.42
C10 I3C M . 6.66 28.66 -16.11
N13 I3C M . 10.91 25.99 -16.60
C1 I3C M . 8.59 27.36 -19.29
C6 I3C M . 9.74 26.66 -18.66
C5 I3C M . 9.87 26.63 -17.18
C4 I3C M . 8.85 27.29 -16.33
C3 I3C M . 7.69 27.98 -16.96
C2 I3C M . 7.57 28.02 -18.45
C7 I3C M . 8.47 27.39 -20.79
O11 I3C M . 6.75 29.89 -15.89
O12 I3C M . 5.73 27.98 -15.62
I3 I3C N . 23.25 32.95 10.28
I2 I3C N . 18.57 29.14 11.71
I1 I3C N . 18.30 32.58 6.57
O8 I3C N . 22.01 33.18 6.77
O9 I3C N . 21.03 34.79 7.88
C10 I3C N . 17.37 30.39 8.88
N13 I3C N . 21.42 30.74 11.86
C1 I3C N . 20.65 32.57 8.61
C6 I3C N . 21.37 32.14 9.84
C5 I3C N . 20.76 31.13 10.75
C4 I3C N . 19.43 30.55 10.42
C3 I3C N . 18.71 30.97 9.20
C2 I3C N . 19.32 31.98 8.29
C7 I3C N . 21.27 33.57 7.70
O11 I3C N . 16.35 30.91 9.38
O12 I3C N . 17.30 29.40 8.12
I3 I3C O . -0.15 27.06 -8.80
I2 I3C O . 3.75 31.52 -10.62
I1 I3C O . -0.28 29.10 -14.65
O8 I3C O . -2.27 27.60 -11.63
O9 I3C O . -0.83 26.24 -12.57
C10 I3C O . 2.15 31.03 -13.49
N13 I3C O . 2.20 29.32 -8.74
C1 I3C O . 0.00 28.27 -11.67
C6 I3C O . 0.58 28.32 -10.30
C5 I3C O . 1.68 29.27 -9.98
C4 I3C O . 2.20 30.17 -11.05
C3 I3C O . 1.63 30.12 -12.42
C2 I3C O . 0.53 29.17 -12.72
C7 I3C O . -1.10 27.31 -11.97
O11 I3C O . 3.05 30.61 -14.26
O12 I3C O . 1.68 32.19 -13.59
#